data_4TWK
#
_entry.id   4TWK
#
_cell.length_a   74.470
_cell.length_b   105.975
_cell.length_c   128.270
_cell.angle_alpha   90.00
_cell.angle_beta   90.00
_cell.angle_gamma   90.00
#
_symmetry.space_group_name_H-M   'P 21 21 21'
#
loop_
_entity.id
_entity.type
_entity.pdbx_description
1 polymer 'Potassium channel subfamily K member 2'
2 non-polymer 'POTASSIUM ION'
3 non-polymer 'Octyl Glucose Neopentyl Glycol'
4 non-polymer 'MAGNESIUM ION'
5 non-polymer 2-acetamido-2-deoxy-beta-D-glucopyranose
6 water water
#
_entity_poly.entity_id   1
_entity_poly.type   'polypeptide(L)'
_entity_poly.pdbx_seq_one_letter_code
;MPTVLASRVESDTTINVMKWKTVSTIFLVVVLYLIIGATVFKALEQPHEISQRTTIVIQKQTFISQHSCVNSTELDELIQ
QIVAAINAGIIPLGNTSNQISHWDLGSSFFFAGTVITTIGFGNISPRTEGGKIFCIIYALLGIPLFGFLLAGVGDQLGTI
FGKGIAKVEDTFIKWNVSQTKIRIISTIIFILFGCVLFVALPAIIFKHIEGWSALDAIYFVVITLTTIGFGDYVAGGSDI
EYLDFYKPVVWFWILVGLAYFAAVLSMIGDWLRVISAENLYFQ
;
_entity_poly.pdbx_strand_id   A,B
#
loop_
_chem_comp.id
_chem_comp.type
_chem_comp.name
_chem_comp.formula
37X non-polymer 'Octyl Glucose Neopentyl Glycol' 'C27 H52 O12'
K non-polymer 'POTASSIUM ION' 'K 1'
MG non-polymer 'MAGNESIUM ION' 'Mg 2'
NAG D-saccharide, beta linking 2-acetamido-2-deoxy-beta-D-glucopyranose 'C8 H15 N O6'
#
# COMPACT_ATOMS: atom_id res chain seq x y z
N THR A 14 20.36 24.37 -20.46
CA THR A 14 21.29 24.28 -19.35
C THR A 14 20.64 23.60 -18.13
N ILE A 15 19.39 24.02 -17.78
CA ILE A 15 18.63 23.49 -16.65
C ILE A 15 18.15 22.05 -16.93
N ASN A 16 18.01 21.68 -18.21
CA ASN A 16 17.60 20.34 -18.66
C ASN A 16 18.68 19.31 -18.34
N VAL A 17 19.97 19.73 -18.45
CA VAL A 17 21.16 18.92 -18.16
C VAL A 17 21.20 18.63 -16.64
N MET A 18 20.95 19.67 -15.81
CA MET A 18 20.91 19.59 -14.35
C MET A 18 19.71 18.76 -13.85
N LYS A 19 18.61 18.73 -14.62
CA LYS A 19 17.41 17.96 -14.27
C LYS A 19 17.67 16.46 -14.40
N TRP A 20 18.34 16.03 -15.50
CA TRP A 20 18.68 14.63 -15.75
C TRP A 20 19.76 14.13 -14.77
N LYS A 21 20.79 14.97 -14.50
CA LYS A 21 21.90 14.65 -13.59
C LYS A 21 21.38 14.31 -12.18
N THR A 22 20.29 14.97 -11.76
CA THR A 22 19.64 14.75 -10.47
C THR A 22 18.89 13.40 -10.46
N VAL A 23 18.08 13.10 -11.51
CA VAL A 23 17.27 11.87 -11.62
C VAL A 23 18.19 10.63 -11.62
N SER A 24 19.29 10.68 -12.39
CA SER A 24 20.28 9.61 -12.54
C SER A 24 20.96 9.26 -11.20
N THR A 25 21.41 10.30 -10.46
CA THR A 25 22.10 10.16 -9.17
C THR A 25 21.11 9.63 -8.12
N ILE A 26 19.89 10.20 -8.05
CA ILE A 26 18.87 9.77 -7.08
C ILE A 26 18.45 8.30 -7.40
N PHE A 27 18.44 7.91 -8.70
CA PHE A 27 18.18 6.53 -9.11
C PHE A 27 19.25 5.61 -8.53
N LEU A 28 20.54 6.02 -8.66
CA LEU A 28 21.68 5.26 -8.14
C LEU A 28 21.60 5.15 -6.62
N VAL A 29 21.27 6.25 -5.94
CA VAL A 29 21.10 6.33 -4.47
C VAL A 29 19.94 5.40 -4.03
N VAL A 30 18.82 5.34 -4.81
CA VAL A 30 17.68 4.47 -4.49
C VAL A 30 18.09 2.99 -4.67
N VAL A 31 18.88 2.68 -5.73
CA VAL A 31 19.35 1.33 -6.01
C VAL A 31 20.29 0.89 -4.88
N LEU A 32 21.18 1.80 -4.43
CA LEU A 32 22.10 1.54 -3.32
C LEU A 32 21.32 1.36 -2.00
N TYR A 33 20.29 2.20 -1.78
CA TYR A 33 19.41 2.17 -0.60
C TYR A 33 18.65 0.83 -0.53
N LEU A 34 18.27 0.27 -1.69
CA LEU A 34 17.55 -0.98 -1.78
C LEU A 34 18.49 -2.18 -1.56
N ILE A 35 19.78 -2.06 -1.98
CA ILE A 35 20.82 -3.10 -1.78
C ILE A 35 21.12 -3.20 -0.27
N ILE A 36 21.21 -2.03 0.43
CA ILE A 36 21.44 -1.91 1.88
C ILE A 36 20.26 -2.53 2.62
N GLY A 37 19.04 -2.16 2.22
CA GLY A 37 17.80 -2.66 2.81
C GLY A 37 17.67 -4.16 2.70
N ALA A 38 17.96 -4.71 1.50
CA ALA A 38 17.93 -6.16 1.25
C ALA A 38 18.94 -6.89 2.14
N THR A 39 20.15 -6.32 2.29
CA THR A 39 21.24 -6.86 3.10
C THR A 39 20.86 -6.85 4.60
N VAL A 40 20.28 -5.74 5.10
CA VAL A 40 19.95 -5.60 6.52
C VAL A 40 18.68 -6.41 6.86
N PHE A 41 17.68 -6.47 5.95
CA PHE A 41 16.47 -7.25 6.23
C PHE A 41 16.80 -8.76 6.25
N LYS A 42 17.72 -9.22 5.36
CA LYS A 42 18.15 -10.62 5.31
C LYS A 42 18.84 -10.97 6.63
N ALA A 43 19.77 -10.11 7.09
CA ALA A 43 20.55 -10.28 8.30
C ALA A 43 19.68 -10.34 9.57
N LEU A 44 18.61 -9.54 9.61
CA LEU A 44 17.71 -9.43 10.76
C LEU A 44 16.55 -10.41 10.77
N GLU A 45 16.06 -10.81 9.59
CA GLU A 45 14.86 -11.65 9.50
C GLU A 45 15.07 -13.08 9.00
N GLN A 46 16.13 -13.38 8.21
CA GLN A 46 16.29 -14.74 7.70
C GLN A 46 16.57 -15.77 8.84
N PRO A 47 17.41 -15.52 9.89
CA PRO A 47 17.60 -16.54 10.94
C PRO A 47 16.30 -17.01 11.58
N HIS A 48 15.36 -16.07 11.85
CA HIS A 48 14.05 -16.32 12.42
C HIS A 48 13.19 -17.15 11.45
N GLU A 49 13.29 -16.87 10.14
CA GLU A 49 12.56 -17.56 9.07
C GLU A 49 12.99 -19.03 8.96
N ILE A 50 14.32 -19.30 8.96
CA ILE A 50 14.89 -20.65 8.89
C ILE A 50 14.37 -21.47 10.09
N SER A 51 14.40 -20.85 11.29
CA SER A 51 13.94 -21.41 12.57
C SER A 51 12.45 -21.81 12.51
N GLN A 52 11.61 -20.98 11.89
CA GLN A 52 10.17 -21.23 11.77
C GLN A 52 9.87 -22.27 10.68
N ARG A 53 10.71 -22.36 9.63
CA ARG A 53 10.54 -23.30 8.52
C ARG A 53 10.82 -24.73 8.96
N THR A 54 11.83 -24.93 9.85
CA THR A 54 12.18 -26.26 10.37
C THR A 54 10.98 -26.81 11.13
N THR A 55 10.35 -26.00 12.02
CA THR A 55 9.17 -26.34 12.81
C THR A 55 8.02 -26.82 11.92
N ILE A 56 7.79 -26.14 10.78
CA ILE A 56 6.73 -26.47 9.82
C ILE A 56 7.04 -27.81 9.14
N VAL A 57 8.29 -27.99 8.66
CA VAL A 57 8.77 -29.21 7.98
C VAL A 57 8.66 -30.42 8.95
N ILE A 58 9.04 -30.23 10.24
CA ILE A 58 8.96 -31.26 11.29
C ILE A 58 7.49 -31.69 11.48
N GLN A 59 6.56 -30.71 11.58
CA GLN A 59 5.12 -30.93 11.77
C GLN A 59 4.46 -31.58 10.54
N LYS A 60 4.88 -31.17 9.32
CA LYS A 60 4.37 -31.69 8.04
C LYS A 60 4.76 -33.14 7.84
N GLN A 61 5.96 -33.54 8.29
CA GLN A 61 6.47 -34.90 8.17
C GLN A 61 5.86 -35.82 9.25
N THR A 62 5.53 -35.26 10.44
CA THR A 62 4.88 -35.99 11.53
C THR A 62 3.46 -36.36 11.08
N PHE A 63 2.79 -35.46 10.33
CA PHE A 63 1.44 -35.66 9.80
C PHE A 63 1.41 -36.84 8.82
N ILE A 64 2.37 -36.88 7.86
CA ILE A 64 2.50 -37.95 6.86
C ILE A 64 2.81 -39.29 7.56
N SER A 65 3.66 -39.25 8.61
CA SER A 65 4.05 -40.42 9.40
C SER A 65 2.88 -41.00 10.22
N GLN A 66 2.07 -40.13 10.85
CA GLN A 66 0.91 -40.53 11.66
C GLN A 66 -0.30 -40.88 10.77
N HIS A 67 -0.37 -40.32 9.54
CA HIS A 67 -1.45 -40.55 8.58
C HIS A 67 -0.88 -41.09 7.26
N SER A 68 -0.71 -42.42 7.22
CA SER A 68 -0.15 -43.22 6.12
C SER A 68 -0.92 -43.10 4.79
N CYS A 69 -2.26 -42.93 4.85
CA CYS A 69 -3.12 -42.85 3.66
C CYS A 69 -2.94 -41.53 2.86
N VAL A 70 -2.15 -40.56 3.38
CA VAL A 70 -1.86 -39.26 2.73
C VAL A 70 -0.36 -39.19 2.38
N ASN A 71 -0.03 -38.65 1.19
CA ASN A 71 1.35 -38.49 0.72
C ASN A 71 1.79 -37.02 0.77
N SER A 72 3.06 -36.74 0.42
CA SER A 72 3.67 -35.41 0.42
C SER A 72 3.06 -34.47 -0.64
N THR A 73 2.72 -35.03 -1.83
CA THR A 73 2.12 -34.30 -2.97
C THR A 73 0.71 -33.80 -2.59
N GLU A 74 -0.11 -34.68 -1.96
CA GLU A 74 -1.48 -34.43 -1.52
C GLU A 74 -1.51 -33.36 -0.41
N LEU A 75 -0.58 -33.45 0.57
CA LEU A 75 -0.47 -32.51 1.70
C LEU A 75 -0.06 -31.13 1.21
N ASP A 76 0.87 -31.06 0.22
CA ASP A 76 1.33 -29.82 -0.38
C ASP A 76 0.16 -29.11 -1.09
N GLU A 77 -0.70 -29.90 -1.79
CA GLU A 77 -1.89 -29.41 -2.49
C GLU A 77 -2.96 -28.91 -1.52
N LEU A 78 -3.18 -29.63 -0.39
CA LEU A 78 -4.17 -29.28 0.65
C LEU A 78 -3.77 -27.99 1.39
N ILE A 79 -2.47 -27.81 1.71
CA ILE A 79 -1.94 -26.63 2.41
C ILE A 79 -2.12 -25.38 1.51
N GLN A 80 -1.93 -25.52 0.17
CA GLN A 80 -2.12 -24.44 -0.80
C GLN A 80 -3.55 -23.90 -0.76
N GLN A 81 -4.52 -24.79 -0.58
CA GLN A 81 -5.95 -24.48 -0.48
C GLN A 81 -6.30 -23.84 0.86
N ILE A 82 -5.72 -24.37 1.97
CA ILE A 82 -5.89 -23.86 3.34
C ILE A 82 -5.34 -22.40 3.42
N VAL A 83 -4.18 -22.14 2.78
CA VAL A 83 -3.55 -20.80 2.74
C VAL A 83 -4.45 -19.86 1.91
N ALA A 84 -4.98 -20.34 0.76
CA ALA A 84 -5.86 -19.59 -0.15
C ALA A 84 -7.11 -19.08 0.60
N ALA A 85 -7.73 -19.96 1.41
CA ALA A 85 -8.91 -19.63 2.22
C ALA A 85 -8.53 -18.64 3.34
N ILE A 86 -7.42 -18.90 4.07
CA ILE A 86 -6.91 -18.05 5.17
C ILE A 86 -6.70 -16.64 4.63
N ASN A 87 -5.93 -16.52 3.52
CA ASN A 87 -5.65 -15.23 2.85
C ASN A 87 -6.89 -14.57 2.28
N ALA A 88 -7.95 -15.33 1.96
CA ALA A 88 -9.20 -14.75 1.48
C ALA A 88 -9.96 -14.08 2.64
N GLY A 89 -9.70 -14.53 3.87
CA GLY A 89 -10.28 -13.98 5.07
C GLY A 89 -11.03 -14.96 5.93
N ILE A 90 -11.22 -16.20 5.45
CA ILE A 90 -11.96 -17.23 6.16
C ILE A 90 -11.06 -18.45 6.41
N ILE A 91 -10.68 -18.64 7.69
CA ILE A 91 -9.89 -19.80 8.13
C ILE A 91 -10.84 -21.02 8.16
N PRO A 92 -10.51 -22.16 7.50
CA PRO A 92 -11.46 -23.29 7.44
C PRO A 92 -11.64 -24.08 8.76
N LEU A 93 -12.34 -23.48 9.75
CA LEU A 93 -12.62 -24.09 11.06
C LEU A 93 -14.07 -23.78 11.54
N GLY A 94 -14.95 -24.77 11.66
CA GLY A 94 -14.85 -26.15 11.21
C GLY A 94 -15.80 -26.27 10.03
N ASN A 95 -16.95 -25.61 10.16
CA ASN A 95 -17.98 -25.40 9.16
C ASN A 95 -17.91 -23.91 8.73
N THR A 96 -16.87 -23.20 9.25
CA THR A 96 -16.48 -21.79 9.08
C THR A 96 -17.53 -20.82 9.67
N SER A 97 -18.49 -21.36 10.47
CA SER A 97 -19.57 -20.60 11.12
C SER A 97 -19.05 -19.60 12.18
N ASN A 98 -17.83 -19.85 12.71
CA ASN A 98 -17.19 -19.01 13.74
C ASN A 98 -16.41 -17.85 13.11
N GLN A 99 -16.11 -17.93 11.80
CA GLN A 99 -15.38 -16.89 11.06
C GLN A 99 -16.34 -15.75 10.71
N ILE A 100 -15.98 -14.53 11.14
CA ILE A 100 -16.78 -13.33 10.91
C ILE A 100 -16.59 -12.88 9.45
N SER A 101 -17.72 -12.56 8.78
CA SER A 101 -17.78 -12.09 7.40
C SER A 101 -16.96 -10.80 7.25
N HIS A 102 -16.10 -10.75 6.21
CA HIS A 102 -15.28 -9.57 5.89
C HIS A 102 -16.01 -8.62 4.97
N TRP A 103 -17.26 -8.96 4.61
CA TRP A 103 -18.03 -8.19 3.64
C TRP A 103 -19.41 -7.74 4.14
N ASP A 104 -19.55 -7.48 5.45
CA ASP A 104 -20.77 -6.89 6.00
C ASP A 104 -20.64 -5.36 5.81
N LEU A 105 -21.68 -4.57 6.09
CA LEU A 105 -21.65 -3.12 5.88
C LEU A 105 -20.50 -2.40 6.61
N GLY A 106 -20.29 -2.75 7.88
CA GLY A 106 -19.24 -2.18 8.71
C GLY A 106 -17.84 -2.47 8.21
N SER A 107 -17.58 -3.75 7.85
CA SER A 107 -16.32 -4.27 7.33
C SER A 107 -16.01 -3.71 5.94
N SER A 108 -17.04 -3.54 5.09
CA SER A 108 -16.93 -3.01 3.73
C SER A 108 -16.63 -1.52 3.79
N PHE A 109 -17.19 -0.82 4.80
CA PHE A 109 -16.94 0.61 5.06
C PHE A 109 -15.48 0.79 5.38
N PHE A 110 -14.93 -0.10 6.24
CA PHE A 110 -13.53 -0.12 6.63
C PHE A 110 -12.68 -0.41 5.40
N PHE A 111 -13.05 -1.47 4.64
CA PHE A 111 -12.37 -1.86 3.41
C PHE A 111 -12.28 -0.70 2.42
N ALA A 112 -13.40 0.02 2.19
CA ALA A 112 -13.47 1.16 1.30
C ALA A 112 -12.47 2.24 1.74
N GLY A 113 -12.33 2.42 3.07
CA GLY A 113 -11.41 3.36 3.69
C GLY A 113 -9.96 3.06 3.36
N THR A 114 -9.54 1.79 3.51
CA THR A 114 -8.20 1.28 3.20
C THR A 114 -7.84 1.46 1.70
N VAL A 115 -8.87 1.49 0.82
CA VAL A 115 -8.74 1.68 -0.62
C VAL A 115 -8.38 3.14 -0.91
N ILE A 116 -9.24 4.09 -0.46
CA ILE A 116 -9.10 5.53 -0.73
C ILE A 116 -7.92 6.17 0.01
N THR A 117 -7.49 5.60 1.16
CA THR A 117 -6.32 6.08 1.91
C THR A 117 -5.02 5.53 1.32
N THR A 118 -5.12 4.46 0.48
CA THR A 118 -4.06 3.67 -0.17
C THR A 118 -3.32 2.81 0.89
N ILE A 119 -3.92 2.66 2.09
CA ILE A 119 -3.32 1.87 3.18
C ILE A 119 -3.39 0.39 2.79
N GLY A 120 -4.53 -0.03 2.24
CA GLY A 120 -4.76 -1.42 1.85
C GLY A 120 -5.16 -2.25 3.04
N PHE A 121 -5.48 -3.54 2.84
CA PHE A 121 -5.88 -4.42 3.94
C PHE A 121 -5.28 -5.82 3.76
N GLY A 122 -4.00 -5.84 3.38
CA GLY A 122 -3.24 -7.06 3.17
C GLY A 122 -3.80 -7.88 2.04
N ASN A 123 -4.19 -9.12 2.35
CA ASN A 123 -4.70 -10.08 1.40
C ASN A 123 -6.23 -10.02 1.23
N ILE A 124 -6.95 -9.23 2.05
CA ILE A 124 -8.41 -9.09 1.91
C ILE A 124 -8.68 -8.13 0.73
N SER A 125 -9.37 -8.63 -0.29
CA SER A 125 -9.67 -7.91 -1.52
C SER A 125 -10.95 -8.44 -2.17
N PRO A 126 -11.61 -7.70 -3.11
CA PRO A 126 -12.79 -8.26 -3.78
C PRO A 126 -12.43 -9.52 -4.57
N ARG A 127 -13.29 -10.55 -4.51
CA ARG A 127 -13.05 -11.85 -5.14
C ARG A 127 -13.98 -12.11 -6.34
N THR A 128 -14.93 -11.21 -6.62
CA THR A 128 -15.84 -11.33 -7.77
C THR A 128 -15.44 -10.33 -8.86
N GLU A 129 -15.86 -10.60 -10.11
CA GLU A 129 -15.60 -9.75 -11.28
C GLU A 129 -16.10 -8.33 -11.04
N GLY A 130 -17.38 -8.20 -10.63
CA GLY A 130 -18.03 -6.93 -10.29
C GLY A 130 -17.30 -6.15 -9.22
N GLY A 131 -16.90 -6.85 -8.16
CA GLY A 131 -16.16 -6.28 -7.03
C GLY A 131 -14.83 -5.70 -7.46
N LYS A 132 -14.11 -6.41 -8.36
CA LYS A 132 -12.81 -5.99 -8.90
C LYS A 132 -13.00 -4.80 -9.85
N ILE A 133 -14.04 -4.83 -10.72
CA ILE A 133 -14.37 -3.73 -11.66
C ILE A 133 -14.68 -2.46 -10.84
N PHE A 134 -15.60 -2.57 -9.86
CA PHE A 134 -16.00 -1.48 -8.98
C PHE A 134 -14.82 -0.95 -8.18
N CYS A 135 -13.96 -1.84 -7.63
CA CYS A 135 -12.80 -1.43 -6.84
C CYS A 135 -11.81 -0.59 -7.68
N ILE A 136 -11.65 -0.91 -8.99
CA ILE A 136 -10.77 -0.16 -9.90
C ILE A 136 -11.28 1.29 -10.04
N ILE A 137 -12.57 1.46 -10.39
CA ILE A 137 -13.23 2.77 -10.57
C ILE A 137 -13.27 3.52 -9.22
N TYR A 138 -13.62 2.81 -8.12
CA TYR A 138 -13.68 3.36 -6.75
C TYR A 138 -12.33 3.88 -6.28
N ALA A 139 -11.23 3.18 -6.62
CA ALA A 139 -9.87 3.57 -6.25
C ALA A 139 -9.42 4.80 -7.04
N LEU A 140 -9.56 4.77 -8.40
CA LEU A 140 -9.17 5.86 -9.28
C LEU A 140 -9.91 7.17 -9.00
N LEU A 141 -11.11 7.09 -8.42
CA LEU A 141 -11.95 8.26 -8.11
C LEU A 141 -11.84 8.65 -6.62
N GLY A 142 -11.75 7.67 -5.73
CA GLY A 142 -11.68 7.85 -4.29
C GLY A 142 -10.34 8.34 -3.74
N ILE A 143 -9.22 7.88 -4.32
CA ILE A 143 -7.88 8.28 -3.90
C ILE A 143 -7.70 9.83 -4.13
N PRO A 144 -8.01 10.42 -5.34
CA PRO A 144 -7.90 11.88 -5.47
C PRO A 144 -8.89 12.65 -4.58
N LEU A 145 -10.11 12.10 -4.36
CA LEU A 145 -11.13 12.71 -3.50
C LEU A 145 -10.64 12.78 -2.04
N PHE A 146 -10.11 11.66 -1.50
CA PHE A 146 -9.58 11.61 -0.13
C PHE A 146 -8.36 12.55 0.02
N GLY A 147 -7.52 12.64 -1.02
CA GLY A 147 -6.35 13.51 -1.06
C GLY A 147 -6.68 14.96 -0.79
N PHE A 148 -7.89 15.40 -1.25
CA PHE A 148 -8.44 16.73 -1.04
C PHE A 148 -8.81 16.95 0.43
N LEU A 149 -9.44 15.94 1.06
CA LEU A 149 -9.79 15.97 2.48
C LEU A 149 -8.52 16.06 3.34
N LEU A 150 -7.50 15.29 2.97
CA LEU A 150 -6.22 15.24 3.69
C LEU A 150 -5.42 16.54 3.53
N ALA A 151 -5.44 17.18 2.32
CA ALA A 151 -4.75 18.45 2.10
C ALA A 151 -5.42 19.56 2.90
N GLY A 152 -6.76 19.47 3.01
CA GLY A 152 -7.57 20.40 3.77
C GLY A 152 -7.32 20.32 5.26
N VAL A 153 -7.21 19.08 5.79
CA VAL A 153 -6.93 18.79 7.21
C VAL A 153 -5.50 19.31 7.51
N GLY A 154 -4.58 19.11 6.58
CA GLY A 154 -3.20 19.57 6.67
C GLY A 154 -3.09 21.08 6.76
N ASP A 155 -3.89 21.80 5.91
CA ASP A 155 -3.95 23.26 5.89
C ASP A 155 -4.46 23.81 7.23
N GLN A 156 -5.50 23.17 7.80
CA GLN A 156 -6.12 23.54 9.07
C GLN A 156 -5.15 23.33 10.22
N LEU A 157 -4.50 22.15 10.29
CA LEU A 157 -3.53 21.82 11.33
C LEU A 157 -2.28 22.69 11.22
N GLY A 158 -1.94 23.10 9.99
CA GLY A 158 -0.80 23.97 9.69
C GLY A 158 -1.02 25.37 10.24
N THR A 159 -2.27 25.87 10.14
CA THR A 159 -2.72 27.17 10.64
C THR A 159 -2.69 27.14 12.18
N ILE A 160 -3.23 26.06 12.81
CA ILE A 160 -3.29 25.84 14.26
C ILE A 160 -1.87 25.84 14.86
N PHE A 161 -0.99 24.95 14.34
CA PHE A 161 0.40 24.79 14.79
C PHE A 161 1.24 26.03 14.49
N GLY A 162 0.96 26.70 13.37
CA GLY A 162 1.64 27.91 12.94
C GLY A 162 1.45 29.06 13.93
N LYS A 163 0.19 29.29 14.35
CA LYS A 163 -0.20 30.32 15.31
C LYS A 163 0.42 30.06 16.69
N GLY A 164 0.50 28.78 17.06
CA GLY A 164 1.09 28.32 18.31
C GLY A 164 2.59 28.50 18.35
N ILE A 165 3.27 28.20 17.24
CA ILE A 165 4.73 28.34 17.08
C ILE A 165 5.11 29.83 17.04
N ALA A 166 4.22 30.69 16.49
CA ALA A 166 4.40 32.14 16.42
C ALA A 166 4.49 32.75 17.81
N LYS A 167 3.72 32.22 18.77
CA LYS A 167 3.70 32.65 20.17
C LYS A 167 4.97 32.19 20.89
N VAL A 168 5.47 30.96 20.58
CA VAL A 168 6.68 30.38 21.15
C VAL A 168 7.90 31.17 20.64
N GLU A 169 7.94 31.46 19.32
CA GLU A 169 9.00 32.23 18.65
C GLU A 169 9.08 33.66 19.21
N ASP A 170 7.91 34.33 19.40
CA ASP A 170 7.81 35.69 19.94
C ASP A 170 8.31 35.75 21.39
N THR A 171 8.14 34.64 22.15
CA THR A 171 8.59 34.50 23.54
C THR A 171 10.12 34.36 23.57
N PHE A 172 10.69 33.47 22.71
CA PHE A 172 12.13 33.25 22.63
C PHE A 172 12.87 34.46 22.02
N ILE A 173 12.16 35.29 21.23
CA ILE A 173 12.71 36.52 20.62
C ILE A 173 12.97 37.57 21.71
N LYS A 174 12.06 37.67 22.70
CA LYS A 174 12.14 38.59 23.83
C LYS A 174 13.17 38.10 24.86
N TRP A 175 13.50 36.79 24.84
CA TRP A 175 14.44 36.14 25.75
C TRP A 175 15.87 36.11 25.17
N ASN A 176 16.13 36.91 24.10
CA ASN A 176 17.43 37.07 23.39
C ASN A 176 18.03 35.70 23.01
N VAL A 177 17.27 34.91 22.22
CA VAL A 177 17.67 33.58 21.76
C VAL A 177 17.87 33.62 20.23
N SER A 178 18.94 32.96 19.74
CA SER A 178 19.33 32.88 18.32
C SER A 178 18.29 32.14 17.47
N GLN A 179 18.13 32.57 16.20
CA GLN A 179 17.22 31.99 15.19
C GLN A 179 17.47 30.49 14.96
N THR A 180 18.75 30.07 15.11
CA THR A 180 19.23 28.68 14.96
C THR A 180 18.63 27.81 16.09
N LYS A 181 18.60 28.35 17.33
CA LYS A 181 18.08 27.65 18.51
C LYS A 181 16.54 27.61 18.51
N ILE A 182 15.87 28.67 17.98
CA ILE A 182 14.41 28.78 17.88
C ILE A 182 13.88 27.71 16.90
N ARG A 183 14.50 27.62 15.70
CA ARG A 183 14.15 26.65 14.66
C ARG A 183 14.38 25.21 15.16
N ILE A 184 15.44 25.00 15.97
CA ILE A 184 15.79 23.70 16.56
C ILE A 184 14.74 23.31 17.61
N ILE A 185 14.29 24.29 18.44
CA ILE A 185 13.28 24.10 19.48
C ILE A 185 11.92 23.76 18.86
N SER A 186 11.52 24.48 17.79
CA SER A 186 10.26 24.26 17.06
C SER A 186 10.20 22.84 16.46
N THR A 187 11.37 22.30 16.04
CA THR A 187 11.50 20.95 15.48
C THR A 187 11.20 19.93 16.58
N ILE A 188 11.69 20.18 17.83
CA ILE A 188 11.47 19.33 19.00
C ILE A 188 9.97 19.30 19.34
N ILE A 189 9.28 20.47 19.26
CA ILE A 189 7.84 20.60 19.52
C ILE A 189 7.06 19.76 18.49
N PHE A 190 7.43 19.87 17.18
CA PHE A 190 6.82 19.12 16.08
C PHE A 190 7.00 17.61 16.29
N ILE A 191 8.20 17.17 16.71
CA ILE A 191 8.52 15.76 16.98
C ILE A 191 7.72 15.28 18.21
N LEU A 192 7.64 16.11 19.28
CA LEU A 192 6.91 15.79 20.51
C LEU A 192 5.40 15.67 20.25
N PHE A 193 4.87 16.47 19.30
CA PHE A 193 3.47 16.47 18.88
C PHE A 193 3.07 15.10 18.29
N GLY A 194 4.04 14.41 17.67
CA GLY A 194 3.88 13.09 17.09
C GLY A 194 3.95 11.98 18.11
N CYS A 195 4.84 12.15 19.12
CA CYS A 195 5.05 11.19 20.22
C CYS A 195 3.84 11.18 21.16
N VAL A 196 3.23 12.34 21.41
CA VAL A 196 2.10 12.47 22.33
C VAL A 196 0.82 11.95 21.67
N LEU A 197 0.45 12.48 20.50
CA LEU A 197 -0.80 12.11 19.82
C LEU A 197 -0.80 10.73 19.15
N PHE A 198 0.34 10.25 18.63
CA PHE A 198 0.32 8.99 17.90
C PHE A 198 1.17 7.86 18.53
N VAL A 199 1.82 8.11 19.67
CA VAL A 199 2.62 7.08 20.33
C VAL A 199 2.03 6.86 21.75
N ALA A 200 1.93 7.94 22.55
CA ALA A 200 1.43 7.92 23.92
C ALA A 200 -0.10 7.80 24.00
N LEU A 201 -0.84 8.55 23.16
CA LEU A 201 -2.32 8.56 23.16
C LEU A 201 -2.94 7.19 22.73
N PRO A 202 -2.57 6.51 21.61
CA PRO A 202 -3.22 5.23 21.29
C PRO A 202 -2.74 4.09 22.20
N GLY A 211 -1.80 -7.92 24.66
CA GLY A 211 -0.56 -7.39 25.19
C GLY A 211 0.46 -7.07 24.12
N TRP A 212 0.60 -5.76 23.78
CA TRP A 212 1.54 -5.25 22.78
C TRP A 212 2.61 -4.37 23.41
N SER A 213 3.86 -4.48 22.93
CA SER A 213 4.98 -3.67 23.43
C SER A 213 4.94 -2.26 22.84
N ALA A 214 5.82 -1.35 23.34
CA ALA A 214 5.90 0.03 22.87
C ALA A 214 6.36 0.09 21.42
N LEU A 215 7.33 -0.76 21.05
CA LEU A 215 7.87 -0.87 19.69
C LEU A 215 6.77 -1.36 18.74
N ASP A 216 5.94 -2.31 19.18
CA ASP A 216 4.83 -2.84 18.39
C ASP A 216 3.79 -1.76 18.11
N ALA A 217 3.57 -0.84 19.08
CA ALA A 217 2.64 0.27 18.94
C ALA A 217 3.19 1.31 17.94
N ILE A 218 4.47 1.70 18.08
CA ILE A 218 5.16 2.64 17.21
C ILE A 218 5.23 2.07 15.77
N TYR A 219 5.67 0.79 15.61
CA TYR A 219 5.75 0.13 14.31
C TYR A 219 4.38 0.14 13.61
N PHE A 220 3.28 -0.18 14.32
CA PHE A 220 1.92 -0.18 13.77
C PHE A 220 1.52 1.21 13.24
N VAL A 221 1.74 2.25 14.06
CA VAL A 221 1.43 3.65 13.75
C VAL A 221 2.19 4.09 12.49
N VAL A 222 3.55 4.00 12.50
CA VAL A 222 4.42 4.40 11.37
C VAL A 222 3.98 3.71 10.06
N ILE A 223 3.89 2.37 10.06
CA ILE A 223 3.53 1.54 8.91
C ILE A 223 2.13 1.92 8.37
N THR A 224 1.14 2.16 9.25
CA THR A 224 -0.22 2.52 8.83
C THR A 224 -0.29 3.96 8.30
N LEU A 225 0.18 4.94 9.09
CA LEU A 225 0.09 6.36 8.75
C LEU A 225 1.02 6.81 7.59
N THR A 226 2.00 5.97 7.16
CA THR A 226 2.83 6.29 5.99
C THR A 226 2.16 5.66 4.74
N THR A 227 1.03 4.95 4.96
CA THR A 227 0.12 4.25 4.02
C THR A 227 0.74 2.97 3.46
N ILE A 228 1.73 2.39 4.17
CA ILE A 228 2.33 1.11 3.79
C ILE A 228 1.25 0.05 4.11
N GLY A 229 0.52 0.31 5.19
CA GLY A 229 -0.57 -0.52 5.66
C GLY A 229 -0.05 -1.60 6.57
N PHE A 230 -0.79 -1.88 7.65
CA PHE A 230 -0.49 -2.90 8.65
C PHE A 230 -0.45 -4.31 8.02
N GLY A 231 -1.07 -4.45 6.85
CA GLY A 231 -1.17 -5.69 6.10
C GLY A 231 -2.24 -6.58 6.69
N ASP A 232 -1.81 -7.76 7.16
CA ASP A 232 -2.66 -8.74 7.82
C ASP A 232 -1.95 -9.13 9.13
N TYR A 233 -2.18 -8.30 10.19
CA TYR A 233 -1.60 -8.47 11.53
C TYR A 233 -1.81 -9.91 12.03
N VAL A 234 -3.06 -10.39 11.92
CA VAL A 234 -3.46 -11.75 12.27
C VAL A 234 -3.95 -12.45 10.99
N ALA A 235 -3.85 -13.79 10.96
CA ALA A 235 -4.27 -14.63 9.83
C ALA A 235 -5.79 -14.53 9.63
N GLY A 236 -6.20 -14.33 8.38
CA GLY A 236 -7.60 -14.20 7.99
C GLY A 236 -8.24 -12.90 8.41
N GLY A 237 -7.48 -11.81 8.35
CA GLY A 237 -7.93 -10.47 8.73
C GLY A 237 -8.14 -10.25 10.21
N SER A 238 -8.27 -8.97 10.60
CA SER A 238 -8.48 -8.55 11.99
C SER A 238 -9.96 -8.21 12.25
N ASP A 239 -10.34 -8.16 13.55
CA ASP A 239 -11.70 -7.84 14.01
C ASP A 239 -11.84 -6.36 14.40
N ILE A 240 -13.11 -5.87 14.46
CA ILE A 240 -13.44 -4.49 14.83
C ILE A 240 -14.19 -4.46 16.16
N LYS A 247 -15.36 5.87 17.48
CA LYS A 247 -15.66 6.29 16.12
C LYS A 247 -15.30 7.79 15.87
N PRO A 248 -15.67 8.80 16.72
CA PRO A 248 -15.31 10.20 16.39
C PRO A 248 -13.81 10.50 16.59
N VAL A 249 -13.25 10.09 17.74
CA VAL A 249 -11.83 10.31 18.09
C VAL A 249 -10.91 9.48 17.20
N VAL A 250 -11.35 8.26 16.81
CA VAL A 250 -10.60 7.33 15.95
C VAL A 250 -10.41 7.98 14.56
N TRP A 251 -11.50 8.45 13.94
CA TRP A 251 -11.51 9.13 12.63
C TRP A 251 -10.65 10.37 12.64
N PHE A 252 -10.65 11.11 13.77
CA PHE A 252 -9.85 12.31 13.97
C PHE A 252 -8.38 11.93 14.06
N TRP A 253 -8.05 10.86 14.82
CA TRP A 253 -6.69 10.34 15.01
C TRP A 253 -6.10 9.86 13.68
N ILE A 254 -6.92 9.20 12.82
CA ILE A 254 -6.51 8.69 11.51
C ILE A 254 -6.21 9.88 10.58
N LEU A 255 -7.17 10.83 10.42
CA LEU A 255 -7.03 12.02 9.57
C LEU A 255 -5.86 12.91 9.99
N VAL A 256 -5.76 13.24 11.30
CA VAL A 256 -4.67 14.08 11.85
C VAL A 256 -3.35 13.30 11.67
N GLY A 257 -3.38 11.99 11.90
CA GLY A 257 -2.24 11.10 11.76
C GLY A 257 -1.65 11.04 10.37
N LEU A 258 -2.50 10.83 9.35
CA LEU A 258 -2.08 10.78 7.95
C LEU A 258 -1.54 12.15 7.50
N ALA A 259 -2.18 13.24 7.96
CA ALA A 259 -1.78 14.62 7.67
C ALA A 259 -0.45 14.96 8.33
N TYR A 260 -0.21 14.48 9.57
CA TYR A 260 1.03 14.71 10.32
C TYR A 260 2.20 13.99 9.64
N PHE A 261 1.99 12.72 9.25
CA PHE A 261 3.01 11.93 8.58
C PHE A 261 3.30 12.45 7.19
N ALA A 262 2.29 13.02 6.51
CA ALA A 262 2.47 13.63 5.19
C ALA A 262 3.43 14.81 5.32
N ALA A 263 3.30 15.58 6.43
CA ALA A 263 4.14 16.72 6.78
C ALA A 263 5.57 16.30 7.13
N VAL A 264 5.73 15.18 7.88
CA VAL A 264 7.03 14.64 8.31
C VAL A 264 7.81 14.24 7.06
N LEU A 265 7.20 13.40 6.20
CA LEU A 265 7.79 12.90 4.97
C LEU A 265 8.10 14.02 3.98
N SER A 266 7.27 15.09 3.96
CA SER A 266 7.46 16.27 3.10
C SER A 266 8.72 17.03 3.50
N MET A 267 8.95 17.19 4.81
CA MET A 267 10.11 17.86 5.39
C MET A 267 11.40 17.08 5.14
N ILE A 268 11.35 15.74 5.24
CA ILE A 268 12.52 14.88 4.98
C ILE A 268 12.85 14.97 3.47
N GLY A 269 11.81 14.95 2.61
CA GLY A 269 11.94 15.13 1.17
C GLY A 269 12.64 16.42 0.81
N ASP A 270 12.25 17.55 1.46
CA ASP A 270 12.85 18.87 1.27
C ASP A 270 14.32 18.84 1.67
N TRP A 271 14.64 18.15 2.78
CA TRP A 271 15.99 18.02 3.28
C TRP A 271 16.86 17.26 2.27
N LEU A 272 16.32 16.18 1.66
CA LEU A 272 17.02 15.38 0.65
C LEU A 272 17.30 16.20 -0.60
N ARG A 273 16.42 17.16 -0.92
CA ARG A 273 16.56 18.06 -2.07
C ARG A 273 17.72 19.04 -1.84
N VAL A 274 17.94 19.45 -0.57
CA VAL A 274 19.05 20.33 -0.18
C VAL A 274 20.37 19.56 -0.37
N ILE A 275 20.45 18.33 0.22
CA ILE A 275 21.61 17.43 0.17
C ILE A 275 21.99 17.13 -1.29
N SER A 276 21.01 16.76 -2.13
CA SER A 276 21.23 16.48 -3.55
C SER A 276 21.85 17.71 -4.24
N ALA A 277 21.24 18.91 -4.08
CA ALA A 277 21.70 20.19 -4.63
C ALA A 277 23.10 20.57 -4.13
N GLU A 278 23.42 20.26 -2.85
CA GLU A 278 24.74 20.52 -2.25
C GLU A 278 25.82 19.70 -2.96
N ASN A 279 25.52 18.43 -3.28
CA ASN A 279 26.45 17.54 -3.97
C ASN A 279 26.57 17.86 -5.46
N LEU A 280 25.48 18.34 -6.10
CA LEU A 280 25.46 18.63 -7.53
C LEU A 280 26.04 20.02 -7.86
N TYR A 281 25.65 21.07 -7.11
CA TYR A 281 26.16 22.43 -7.35
C TYR A 281 27.56 22.63 -6.78
N PHE A 282 27.87 21.98 -5.64
CA PHE A 282 29.17 22.11 -4.96
C PHE A 282 29.69 20.73 -4.57
N MET B 18 -7.00 26.55 2.52
CA MET B 18 -8.36 26.04 2.35
C MET B 18 -9.23 26.43 3.55
N LYS B 19 -10.45 26.93 3.27
CA LYS B 19 -11.43 27.34 4.29
C LYS B 19 -12.04 26.12 5.00
N TRP B 20 -12.40 26.28 6.28
CA TRP B 20 -13.00 25.23 7.12
C TRP B 20 -14.36 24.75 6.58
N LYS B 21 -15.11 25.64 5.89
CA LYS B 21 -16.40 25.34 5.28
C LYS B 21 -16.23 24.29 4.16
N THR B 22 -15.10 24.38 3.42
CA THR B 22 -14.74 23.48 2.33
C THR B 22 -14.30 22.12 2.91
N VAL B 23 -13.49 22.13 4.00
CA VAL B 23 -12.97 20.95 4.69
C VAL B 23 -14.15 20.06 5.18
N SER B 24 -15.17 20.69 5.82
CA SER B 24 -16.37 20.00 6.34
C SER B 24 -17.25 19.44 5.21
N THR B 25 -17.28 20.10 4.03
CA THR B 25 -18.06 19.66 2.87
C THR B 25 -17.36 18.45 2.26
N ILE B 26 -16.02 18.53 2.02
CA ILE B 26 -15.21 17.43 1.45
C ILE B 26 -15.29 16.23 2.42
N PHE B 27 -15.24 16.47 3.75
CA PHE B 27 -15.38 15.41 4.75
C PHE B 27 -16.71 14.65 4.58
N LEU B 28 -17.83 15.41 4.40
CA LEU B 28 -19.17 14.85 4.22
C LEU B 28 -19.29 14.05 2.92
N VAL B 29 -18.67 14.55 1.82
CA VAL B 29 -18.67 13.88 0.50
C VAL B 29 -17.92 12.53 0.64
N VAL B 30 -16.75 12.54 1.35
CA VAL B 30 -15.90 11.37 1.60
C VAL B 30 -16.70 10.31 2.43
N VAL B 31 -17.39 10.74 3.52
CA VAL B 31 -18.20 9.85 4.38
C VAL B 31 -19.32 9.22 3.52
N LEU B 32 -19.99 10.05 2.67
CA LEU B 32 -21.04 9.63 1.75
C LEU B 32 -20.52 8.60 0.74
N TYR B 33 -19.33 8.88 0.18
CA TYR B 33 -18.63 8.04 -0.80
C TYR B 33 -18.26 6.68 -0.19
N LEU B 34 -17.88 6.67 1.10
CA LEU B 34 -17.54 5.46 1.84
C LEU B 34 -18.79 4.61 2.12
N ILE B 35 -19.97 5.25 2.33
CA ILE B 35 -21.28 4.60 2.57
C ILE B 35 -21.74 3.91 1.26
N ILE B 36 -21.54 4.60 0.11
CA ILE B 36 -21.83 4.09 -1.22
C ILE B 36 -20.92 2.86 -1.49
N GLY B 37 -19.64 2.96 -1.12
CA GLY B 37 -18.65 1.89 -1.24
C GLY B 37 -18.97 0.70 -0.37
N ALA B 38 -19.35 0.94 0.90
CA ALA B 38 -19.77 -0.08 1.87
C ALA B 38 -21.00 -0.86 1.40
N THR B 39 -21.95 -0.17 0.75
CA THR B 39 -23.20 -0.74 0.25
C THR B 39 -22.94 -1.63 -0.98
N VAL B 40 -22.19 -1.11 -1.97
CA VAL B 40 -21.89 -1.83 -3.21
C VAL B 40 -20.97 -3.05 -2.93
N PHE B 41 -19.89 -2.89 -2.09
CA PHE B 41 -18.99 -4.01 -1.76
C PHE B 41 -19.72 -5.14 -1.05
N LYS B 42 -20.63 -4.83 -0.10
CA LYS B 42 -21.46 -5.84 0.58
C LYS B 42 -22.31 -6.58 -0.45
N ALA B 43 -22.97 -5.83 -1.36
CA ALA B 43 -23.87 -6.36 -2.40
C ALA B 43 -23.14 -7.27 -3.40
N LEU B 44 -21.91 -6.91 -3.78
CA LEU B 44 -21.12 -7.68 -4.75
C LEU B 44 -20.30 -8.81 -4.14
N GLU B 45 -19.85 -8.67 -2.89
CA GLU B 45 -18.93 -9.62 -2.28
C GLU B 45 -19.51 -10.54 -1.23
N GLN B 46 -20.52 -10.10 -0.43
CA GLN B 46 -21.03 -10.96 0.64
C GLN B 46 -21.70 -12.25 0.11
N PRO B 47 -22.55 -12.27 -0.96
CA PRO B 47 -23.14 -13.55 -1.40
C PRO B 47 -22.09 -14.57 -1.87
N HIS B 48 -21.03 -14.14 -2.57
CA HIS B 48 -19.95 -15.03 -3.04
C HIS B 48 -19.22 -15.66 -1.89
N GLU B 49 -18.91 -14.88 -0.84
CA GLU B 49 -18.25 -15.35 0.38
C GLU B 49 -19.08 -16.47 1.03
N ILE B 50 -20.41 -16.29 1.17
CA ILE B 50 -21.33 -17.28 1.74
C ILE B 50 -21.17 -18.61 0.98
N SER B 51 -21.27 -18.57 -0.37
CA SER B 51 -21.16 -19.74 -1.23
C SER B 51 -19.76 -20.38 -1.15
N GLN B 52 -18.70 -19.55 -0.95
CA GLN B 52 -17.32 -20.02 -0.83
C GLN B 52 -17.10 -20.76 0.50
N ARG B 53 -17.96 -20.52 1.52
CA ARG B 53 -17.89 -21.24 2.82
C ARG B 53 -18.32 -22.70 2.59
N THR B 54 -19.32 -22.92 1.71
CA THR B 54 -19.83 -24.23 1.32
C THR B 54 -18.76 -24.99 0.51
N THR B 55 -18.05 -24.26 -0.39
CA THR B 55 -16.93 -24.76 -1.21
C THR B 55 -15.86 -25.36 -0.28
N ILE B 56 -15.51 -24.62 0.80
CA ILE B 56 -14.54 -25.04 1.84
C ILE B 56 -15.05 -26.33 2.54
N VAL B 57 -16.30 -26.30 3.08
CA VAL B 57 -16.96 -27.41 3.78
C VAL B 57 -16.95 -28.68 2.90
N ILE B 58 -17.34 -28.55 1.61
CA ILE B 58 -17.37 -29.66 0.64
C ILE B 58 -15.94 -30.19 0.43
N GLN B 59 -14.95 -29.31 0.13
CA GLN B 59 -13.56 -29.71 -0.07
C GLN B 59 -12.95 -30.36 1.18
N LYS B 60 -13.41 -29.96 2.38
CA LYS B 60 -13.00 -30.54 3.67
C LYS B 60 -13.58 -31.94 3.83
N GLN B 61 -14.89 -32.11 3.57
CA GLN B 61 -15.59 -33.39 3.66
C GLN B 61 -15.09 -34.37 2.59
N THR B 62 -14.65 -33.86 1.43
CA THR B 62 -14.10 -34.61 0.30
C THR B 62 -12.73 -35.20 0.71
N PHE B 63 -11.87 -34.39 1.37
CA PHE B 63 -10.55 -34.83 1.81
C PHE B 63 -10.64 -35.95 2.87
N ILE B 64 -11.52 -35.81 3.88
CA ILE B 64 -11.73 -36.79 4.96
C ILE B 64 -12.26 -38.12 4.35
N SER B 65 -13.15 -38.02 3.33
CA SER B 65 -13.72 -39.20 2.65
C SER B 65 -12.67 -39.95 1.84
N GLN B 66 -11.81 -39.21 1.09
CA GLN B 66 -10.74 -39.77 0.25
C GLN B 66 -9.52 -40.22 1.09
N HIS B 67 -9.38 -39.68 2.31
CA HIS B 67 -8.28 -40.00 3.23
C HIS B 67 -8.84 -40.31 4.62
N SER B 68 -9.50 -41.48 4.74
CA SER B 68 -10.18 -42.00 5.93
C SER B 68 -9.31 -42.07 7.20
N CYS B 69 -7.98 -42.27 7.07
CA CYS B 69 -7.05 -42.34 8.21
C CYS B 69 -6.95 -40.98 8.97
N VAL B 70 -7.32 -39.85 8.31
CA VAL B 70 -7.35 -38.46 8.82
C VAL B 70 -8.78 -38.11 9.26
N ASN B 71 -8.99 -37.60 10.50
CA ASN B 71 -10.34 -37.22 10.91
C ASN B 71 -10.41 -35.67 11.14
N SER B 72 -11.65 -35.13 11.07
CA SER B 72 -12.02 -33.71 11.18
C SER B 72 -11.24 -32.93 12.26
N THR B 73 -11.09 -33.51 13.47
CA THR B 73 -10.37 -32.89 14.59
C THR B 73 -8.87 -32.74 14.25
N GLU B 74 -8.26 -33.78 13.64
CA GLU B 74 -6.85 -33.79 13.22
C GLU B 74 -6.61 -32.80 12.07
N LEU B 75 -7.58 -32.68 11.14
CA LEU B 75 -7.54 -31.75 10.00
C LEU B 75 -7.58 -30.31 10.52
N ASP B 76 -8.42 -30.05 11.55
CA ASP B 76 -8.53 -28.75 12.20
C ASP B 76 -7.22 -28.39 12.93
N GLU B 77 -6.55 -29.41 13.51
CA GLU B 77 -5.26 -29.24 14.20
C GLU B 77 -4.17 -28.80 13.20
N LEU B 78 -4.18 -29.37 11.98
CA LEU B 78 -3.24 -29.07 10.90
C LEU B 78 -3.48 -27.64 10.36
N ILE B 79 -4.76 -27.22 10.23
CA ILE B 79 -5.16 -25.89 9.75
C ILE B 79 -4.63 -24.83 10.74
N GLN B 80 -4.82 -25.05 12.07
CA GLN B 80 -4.37 -24.13 13.13
C GLN B 80 -2.84 -24.00 13.16
N GLN B 81 -2.11 -25.06 12.73
CA GLN B 81 -0.65 -25.03 12.63
C GLN B 81 -0.23 -24.10 11.50
N ILE B 82 -1.01 -24.10 10.38
CA ILE B 82 -0.77 -23.24 9.22
C ILE B 82 -1.10 -21.78 9.63
N VAL B 83 -2.13 -21.59 10.50
CA VAL B 83 -2.53 -20.28 11.03
C VAL B 83 -1.36 -19.72 11.83
N ALA B 84 -0.79 -20.56 12.74
CA ALA B 84 0.38 -20.24 13.57
C ALA B 84 1.59 -19.88 12.71
N ALA B 85 1.82 -20.63 11.61
CA ALA B 85 2.91 -20.41 10.66
C ALA B 85 2.76 -19.05 9.95
N ILE B 86 1.53 -18.75 9.44
CA ILE B 86 1.20 -17.50 8.75
C ILE B 86 1.34 -16.31 9.73
N ASN B 87 0.91 -16.51 11.02
CA ASN B 87 1.02 -15.52 12.10
C ASN B 87 2.49 -15.30 12.49
N ALA B 88 3.34 -16.35 12.35
CA ALA B 88 4.78 -16.29 12.63
C ALA B 88 5.53 -15.57 11.49
N GLY B 89 4.83 -15.37 10.37
CA GLY B 89 5.32 -14.68 9.18
C GLY B 89 5.88 -15.56 8.09
N ILE B 90 5.54 -16.86 8.10
CA ILE B 90 6.04 -17.79 7.09
C ILE B 90 4.86 -18.50 6.39
N ILE B 91 4.84 -18.45 5.05
CA ILE B 91 3.80 -19.12 4.28
C ILE B 91 4.31 -20.55 3.93
N PRO B 92 3.65 -21.62 4.43
CA PRO B 92 4.11 -22.98 4.11
C PRO B 92 3.73 -23.40 2.70
N ILE B 100 9.97 -21.93 -0.75
CA ILE B 100 10.64 -20.73 -1.26
C ILE B 100 10.74 -19.69 -0.12
N SER B 101 11.98 -19.18 0.09
CA SER B 101 12.32 -18.20 1.12
C SER B 101 11.68 -16.84 0.87
N HIS B 102 11.41 -16.11 1.97
CA HIS B 102 10.86 -14.75 1.99
C HIS B 102 11.95 -13.73 2.31
N TRP B 103 12.99 -14.14 3.07
CA TRP B 103 14.00 -13.21 3.51
C TRP B 103 15.40 -13.45 2.89
N ASP B 104 15.43 -13.99 1.65
CA ASP B 104 16.68 -14.13 0.89
C ASP B 104 16.99 -12.74 0.30
N LEU B 105 18.24 -12.46 -0.13
CA LEU B 105 18.62 -11.13 -0.64
C LEU B 105 17.66 -10.57 -1.70
N GLY B 106 17.30 -11.39 -2.69
CA GLY B 106 16.37 -11.01 -3.76
C GLY B 106 14.99 -10.63 -3.29
N SER B 107 14.41 -11.46 -2.38
CA SER B 107 13.08 -11.26 -1.80
C SER B 107 13.09 -10.05 -0.85
N SER B 108 14.20 -9.85 -0.13
CA SER B 108 14.38 -8.72 0.79
C SER B 108 14.45 -7.38 0.01
N PHE B 109 15.00 -7.41 -1.23
CA PHE B 109 15.11 -6.25 -2.12
C PHE B 109 13.72 -5.81 -2.54
N PHE B 110 12.86 -6.79 -2.93
CA PHE B 110 11.49 -6.49 -3.33
C PHE B 110 10.69 -6.01 -2.14
N PHE B 111 10.95 -6.57 -0.93
CA PHE B 111 10.29 -6.17 0.31
C PHE B 111 10.64 -4.71 0.65
N ALA B 112 11.94 -4.35 0.55
CA ALA B 112 12.43 -2.99 0.79
C ALA B 112 11.78 -2.04 -0.21
N GLY B 113 11.57 -2.54 -1.44
CA GLY B 113 10.88 -1.83 -2.49
C GLY B 113 9.42 -1.54 -2.16
N THR B 114 8.68 -2.51 -1.57
CA THR B 114 7.26 -2.31 -1.21
C THR B 114 7.13 -1.33 -0.03
N VAL B 115 8.18 -1.17 0.75
CA VAL B 115 8.21 -0.26 1.88
C VAL B 115 8.31 1.19 1.35
N ILE B 116 9.37 1.50 0.58
CA ILE B 116 9.66 2.86 0.10
C ILE B 116 8.65 3.32 -0.97
N THR B 117 7.96 2.40 -1.65
CA THR B 117 6.93 2.73 -2.65
C THR B 117 5.55 2.93 -1.98
N THR B 118 5.41 2.51 -0.69
CA THR B 118 4.21 2.50 0.17
C THR B 118 3.17 1.50 -0.37
N ILE B 119 3.59 0.52 -1.19
CA ILE B 119 2.72 -0.51 -1.74
C ILE B 119 2.33 -1.43 -0.59
N GLY B 120 3.30 -1.74 0.28
CA GLY B 120 3.08 -2.57 1.45
C GLY B 120 3.12 -4.07 1.22
N PHE B 121 2.61 -4.82 2.20
CA PHE B 121 2.64 -6.29 2.25
C PHE B 121 1.36 -6.89 2.87
N GLY B 122 1.32 -8.23 2.91
CA GLY B 122 0.24 -8.96 3.54
C GLY B 122 0.70 -9.47 4.90
N ASN B 123 1.01 -10.77 4.98
CA ASN B 123 1.51 -11.40 6.20
C ASN B 123 3.04 -11.44 6.26
N ILE B 124 3.75 -11.31 5.12
CA ILE B 124 5.22 -11.33 5.11
C ILE B 124 5.75 -9.91 5.42
N SER B 125 6.17 -9.72 6.66
CA SER B 125 6.69 -8.46 7.21
C SER B 125 7.73 -8.75 8.33
N PRO B 126 8.58 -7.80 8.77
CA PRO B 126 9.52 -8.12 9.85
C PRO B 126 8.81 -8.59 11.13
N ARG B 127 9.40 -9.60 11.81
CA ARG B 127 8.86 -10.19 13.04
C ARG B 127 9.81 -9.98 14.22
N THR B 128 11.09 -9.65 13.96
CA THR B 128 12.08 -9.41 14.99
C THR B 128 12.06 -7.93 15.39
N GLU B 129 12.44 -7.62 16.65
CA GLU B 129 12.51 -6.27 17.22
C GLU B 129 13.39 -5.36 16.35
N GLY B 130 14.59 -5.84 16.00
CA GLY B 130 15.54 -5.14 15.15
C GLY B 130 15.01 -4.91 13.75
N GLY B 131 14.31 -5.91 13.21
CA GLY B 131 13.69 -5.86 11.89
C GLY B 131 12.59 -4.81 11.82
N LYS B 132 11.86 -4.62 12.93
CA LYS B 132 10.80 -3.62 13.10
C LYS B 132 11.40 -2.21 13.29
N ILE B 133 12.48 -2.08 14.11
CA ILE B 133 13.19 -0.82 14.36
C ILE B 133 13.76 -0.29 13.03
N PHE B 134 14.43 -1.17 12.27
CA PHE B 134 15.04 -0.84 10.99
C PHE B 134 13.97 -0.42 9.98
N CYS B 135 12.84 -1.15 9.91
CA CYS B 135 11.73 -0.85 8.99
C CYS B 135 11.15 0.56 9.23
N ILE B 136 11.02 1.00 10.51
CA ILE B 136 10.53 2.34 10.86
C ILE B 136 11.47 3.42 10.27
N ILE B 137 12.78 3.32 10.56
CA ILE B 137 13.81 4.25 10.08
C ILE B 137 13.90 4.19 8.53
N TYR B 138 13.96 2.96 7.98
CA TYR B 138 14.03 2.68 6.54
C TYR B 138 12.86 3.33 5.78
N ALA B 139 11.62 3.19 6.29
CA ALA B 139 10.43 3.80 5.69
C ALA B 139 10.49 5.33 5.76
N LEU B 140 10.78 5.91 6.95
CA LEU B 140 10.81 7.36 7.17
C LEU B 140 11.81 8.10 6.29
N LEU B 141 12.92 7.47 5.95
CA LEU B 141 13.97 8.03 5.10
C LEU B 141 13.79 7.61 3.62
N GLY B 142 13.35 6.37 3.39
CA GLY B 142 13.15 5.79 2.07
C GLY B 142 11.96 6.27 1.27
N ILE B 143 10.80 6.49 1.93
CA ILE B 143 9.56 6.96 1.26
C ILE B 143 9.84 8.37 0.68
N PRO B 144 10.39 9.36 1.44
CA PRO B 144 10.73 10.66 0.81
C PRO B 144 11.73 10.53 -0.36
N LEU B 145 12.73 9.64 -0.23
CA LEU B 145 13.78 9.37 -1.22
C LEU B 145 13.17 8.82 -2.51
N PHE B 146 12.24 7.84 -2.41
CA PHE B 146 11.60 7.26 -3.58
C PHE B 146 10.63 8.27 -4.22
N GLY B 147 10.03 9.14 -3.41
CA GLY B 147 9.14 10.18 -3.90
C GLY B 147 9.90 11.19 -4.74
N PHE B 148 11.18 11.42 -4.37
CA PHE B 148 12.14 12.30 -5.04
C PHE B 148 12.45 11.70 -6.42
N LEU B 149 12.76 10.38 -6.46
CA LEU B 149 13.03 9.66 -7.70
C LEU B 149 11.79 9.68 -8.59
N LEU B 150 10.62 9.32 -8.04
CA LEU B 150 9.35 9.31 -8.77
C LEU B 150 8.98 10.68 -9.31
N ALA B 151 9.30 11.77 -8.56
CA ALA B 151 9.05 13.15 -8.99
C ALA B 151 9.86 13.46 -10.24
N GLY B 152 11.12 13.02 -10.25
CA GLY B 152 12.06 13.17 -11.35
C GLY B 152 11.73 12.34 -12.56
N VAL B 153 11.19 11.11 -12.35
CA VAL B 153 10.78 10.19 -13.43
C VAL B 153 9.58 10.81 -14.17
N GLY B 154 8.57 11.25 -13.40
CA GLY B 154 7.36 11.90 -13.93
C GLY B 154 7.67 13.16 -14.71
N ASP B 155 8.67 13.92 -14.27
CA ASP B 155 9.13 15.16 -14.90
C ASP B 155 9.85 14.84 -16.22
N GLN B 156 10.70 13.79 -16.25
CA GLN B 156 11.44 13.35 -17.44
C GLN B 156 10.48 12.83 -18.51
N LEU B 157 9.47 12.02 -18.09
CA LEU B 157 8.47 11.46 -18.99
C LEU B 157 7.52 12.55 -19.49
N GLY B 158 7.21 13.51 -18.63
CA GLY B 158 6.34 14.65 -18.95
C GLY B 158 6.92 15.55 -20.02
N THR B 159 8.27 15.69 -20.04
CA THR B 159 9.01 16.48 -21.02
C THR B 159 9.02 15.71 -22.36
N ILE B 160 9.27 14.38 -22.32
CA ILE B 160 9.28 13.47 -23.47
C ILE B 160 7.86 13.45 -24.11
N PHE B 161 6.81 13.36 -23.28
CA PHE B 161 5.41 13.38 -23.71
C PHE B 161 5.00 14.77 -24.22
N GLY B 162 5.46 15.81 -23.53
CA GLY B 162 5.19 17.20 -23.86
C GLY B 162 5.75 17.63 -25.20
N LYS B 163 6.94 17.11 -25.56
CA LYS B 163 7.63 17.37 -26.83
C LYS B 163 6.91 16.67 -27.98
N GLY B 164 6.41 15.46 -27.71
CA GLY B 164 5.66 14.65 -28.68
C GLY B 164 4.30 15.24 -28.98
N ILE B 165 3.62 15.75 -27.93
CA ILE B 165 2.30 16.38 -28.01
C ILE B 165 2.39 17.74 -28.73
N ALA B 166 3.54 18.43 -28.63
CA ALA B 166 3.81 19.73 -29.26
C ALA B 166 3.86 19.62 -30.79
N LYS B 167 4.44 18.52 -31.31
CA LYS B 167 4.56 18.23 -32.75
C LYS B 167 3.17 17.98 -33.34
N VAL B 168 2.30 17.27 -32.60
CA VAL B 168 0.91 16.95 -32.99
C VAL B 168 0.07 18.25 -32.93
N GLU B 169 0.29 19.07 -31.88
CA GLU B 169 -0.40 20.36 -31.68
C GLU B 169 -0.06 21.36 -32.78
N ASP B 170 1.21 21.36 -33.25
CA ASP B 170 1.69 22.25 -34.32
C ASP B 170 1.11 21.84 -35.68
N THR B 171 1.03 20.51 -35.94
CA THR B 171 0.52 19.92 -37.18
C THR B 171 -0.99 20.23 -37.33
N PHE B 172 -1.79 20.00 -36.27
CA PHE B 172 -3.23 20.25 -36.26
C PHE B 172 -3.55 21.76 -36.33
N ILE B 173 -2.64 22.64 -35.86
CA ILE B 173 -2.82 24.10 -35.89
C ILE B 173 -2.61 24.64 -37.31
N LYS B 174 -1.65 24.05 -38.06
CA LYS B 174 -1.33 24.45 -39.43
C LYS B 174 -2.46 24.08 -40.40
N TRP B 175 -3.18 22.98 -40.12
CA TRP B 175 -4.29 22.49 -40.94
C TRP B 175 -5.66 22.97 -40.39
N ASN B 176 -5.63 24.03 -39.55
CA ASN B 176 -6.76 24.73 -38.92
C ASN B 176 -7.80 23.77 -38.30
N VAL B 177 -7.50 23.28 -37.09
CA VAL B 177 -8.35 22.39 -36.28
C VAL B 177 -8.50 23.06 -34.90
N SER B 178 -9.73 23.08 -34.35
CA SER B 178 -10.07 23.69 -33.05
C SER B 178 -9.25 23.13 -31.88
N GLN B 179 -8.99 23.99 -30.87
CA GLN B 179 -8.25 23.68 -29.64
C GLN B 179 -8.94 22.62 -28.80
N THR B 180 -10.30 22.56 -28.85
CA THR B 180 -11.13 21.59 -28.14
C THR B 180 -10.93 20.19 -28.74
N LYS B 181 -10.70 20.12 -30.07
CA LYS B 181 -10.44 18.88 -30.81
C LYS B 181 -8.97 18.45 -30.62
N ILE B 182 -8.06 19.44 -30.44
CA ILE B 182 -6.63 19.23 -30.24
C ILE B 182 -6.35 18.60 -28.87
N ARG B 183 -7.04 19.07 -27.81
CA ARG B 183 -6.90 18.54 -26.44
C ARG B 183 -7.58 17.16 -26.31
N ILE B 184 -8.63 16.89 -27.12
CA ILE B 184 -9.39 15.65 -27.12
C ILE B 184 -8.52 14.49 -27.62
N ILE B 185 -7.73 14.71 -28.68
CA ILE B 185 -6.82 13.72 -29.29
C ILE B 185 -5.62 13.48 -28.34
N SER B 186 -5.12 14.55 -27.66
CA SER B 186 -4.00 14.47 -26.72
C SER B 186 -4.32 13.56 -25.51
N THR B 187 -5.61 13.48 -25.13
CA THR B 187 -6.11 12.64 -24.04
C THR B 187 -6.15 11.17 -24.51
N ILE B 188 -6.50 10.93 -25.81
CA ILE B 188 -6.56 9.61 -26.43
C ILE B 188 -5.14 8.98 -26.46
N ILE B 189 -4.11 9.81 -26.76
CA ILE B 189 -2.69 9.40 -26.81
C ILE B 189 -2.23 8.97 -25.40
N PHE B 190 -2.65 9.70 -24.36
CA PHE B 190 -2.31 9.43 -22.95
C PHE B 190 -2.98 8.13 -22.47
N ILE B 191 -4.27 7.92 -22.79
CA ILE B 191 -5.03 6.72 -22.40
C ILE B 191 -4.43 5.49 -23.12
N LEU B 192 -4.10 5.61 -24.43
CA LEU B 192 -3.52 4.52 -25.24
C LEU B 192 -2.18 4.04 -24.68
N PHE B 193 -1.35 4.96 -24.14
CA PHE B 193 -0.05 4.67 -23.53
C PHE B 193 -0.24 3.77 -22.30
N GLY B 194 -1.27 4.06 -21.51
CA GLY B 194 -1.62 3.30 -20.33
C GLY B 194 -2.29 1.99 -20.67
N CYS B 195 -3.04 1.97 -21.78
CA CYS B 195 -3.71 0.78 -22.27
C CYS B 195 -2.69 -0.24 -22.80
N VAL B 196 -1.59 0.23 -23.41
CA VAL B 196 -0.56 -0.63 -23.99
C VAL B 196 0.30 -1.27 -22.87
N LEU B 197 0.88 -0.45 -21.98
CA LEU B 197 1.81 -0.92 -20.94
C LEU B 197 1.18 -1.40 -19.64
N PHE B 198 0.01 -0.87 -19.23
CA PHE B 198 -0.58 -1.22 -17.94
C PHE B 198 -1.98 -1.87 -18.05
N VAL B 199 -2.43 -2.23 -19.27
CA VAL B 199 -3.72 -2.91 -19.45
C VAL B 199 -3.50 -4.16 -20.33
N ALA B 200 -2.98 -3.98 -21.56
CA ALA B 200 -2.77 -5.06 -22.53
C ALA B 200 -1.50 -5.89 -22.23
N LEU B 201 -0.33 -5.22 -22.01
CA LEU B 201 0.95 -5.89 -21.72
C LEU B 201 0.84 -6.81 -20.48
N PRO B 202 0.35 -6.36 -19.28
CA PRO B 202 0.25 -7.30 -18.14
C PRO B 202 -0.84 -8.37 -18.34
N ALA B 203 -1.87 -8.11 -19.18
CA ALA B 203 -2.92 -9.09 -19.48
C ALA B 203 -2.35 -10.29 -20.24
N ILE B 204 -1.24 -10.08 -20.98
CA ILE B 204 -0.52 -11.10 -21.76
C ILE B 204 0.41 -11.89 -20.81
N ILE B 205 1.17 -11.17 -19.95
CA ILE B 205 2.14 -11.73 -19.00
C ILE B 205 1.43 -12.56 -17.90
N PHE B 206 0.38 -11.99 -17.26
CA PHE B 206 -0.32 -12.67 -16.16
C PHE B 206 -1.28 -13.79 -16.66
N LYS B 207 -1.52 -13.90 -17.98
CA LYS B 207 -2.32 -14.98 -18.56
C LYS B 207 -1.41 -16.16 -18.92
N HIS B 208 -0.10 -15.89 -19.09
CA HIS B 208 0.92 -16.89 -19.44
C HIS B 208 1.56 -17.51 -18.18
N ILE B 209 2.05 -16.67 -17.25
CA ILE B 209 2.71 -17.11 -16.02
C ILE B 209 1.67 -17.70 -15.03
N GLU B 210 0.69 -16.90 -14.61
CA GLU B 210 -0.33 -17.28 -13.62
C GLU B 210 -1.58 -17.91 -14.24
N GLY B 211 -1.96 -17.50 -15.45
CA GLY B 211 -3.15 -17.98 -16.13
C GLY B 211 -4.40 -17.22 -15.74
N TRP B 212 -4.22 -15.96 -15.26
CA TRP B 212 -5.28 -15.05 -14.83
C TRP B 212 -6.06 -14.44 -15.99
N SER B 213 -7.32 -14.03 -15.73
CA SER B 213 -8.16 -13.34 -16.70
C SER B 213 -7.63 -11.91 -16.90
N ALA B 214 -8.02 -11.23 -17.99
CA ALA B 214 -7.58 -9.86 -18.25
C ALA B 214 -7.91 -8.96 -17.06
N LEU B 215 -9.14 -9.10 -16.50
CA LEU B 215 -9.62 -8.34 -15.35
C LEU B 215 -8.77 -8.60 -14.09
N ASP B 216 -8.41 -9.88 -13.80
CA ASP B 216 -7.59 -10.23 -12.64
C ASP B 216 -6.18 -9.62 -12.77
N ALA B 217 -5.68 -9.51 -14.01
CA ALA B 217 -4.40 -8.92 -14.34
C ALA B 217 -4.46 -7.39 -14.17
N ILE B 218 -5.51 -6.74 -14.75
CA ILE B 218 -5.72 -5.27 -14.67
C ILE B 218 -5.94 -4.87 -13.21
N TYR B 219 -6.73 -5.66 -12.44
CA TYR B 219 -7.00 -5.40 -11.02
C TYR B 219 -5.67 -5.35 -10.23
N PHE B 220 -4.79 -6.36 -10.44
CA PHE B 220 -3.48 -6.47 -9.81
C PHE B 220 -2.65 -5.19 -10.08
N VAL B 221 -2.62 -4.73 -11.35
CA VAL B 221 -1.87 -3.56 -11.82
C VAL B 221 -2.38 -2.25 -11.18
N VAL B 222 -3.71 -1.98 -11.22
CA VAL B 222 -4.33 -0.76 -10.66
C VAL B 222 -4.01 -0.69 -9.16
N ILE B 223 -4.30 -1.77 -8.41
CA ILE B 223 -4.08 -1.91 -6.97
C ILE B 223 -2.57 -1.73 -6.59
N THR B 224 -1.65 -2.28 -7.40
CA THR B 224 -0.22 -2.11 -7.12
C THR B 224 0.24 -0.65 -7.40
N LEU B 225 -0.09 -0.09 -8.57
CA LEU B 225 0.38 1.24 -9.00
C LEU B 225 -0.39 2.44 -8.40
N THR B 226 -1.43 2.19 -7.59
CA THR B 226 -2.12 3.24 -6.85
C THR B 226 -1.55 3.25 -5.40
N THR B 227 -0.72 2.20 -5.10
CA THR B 227 0.02 1.87 -3.89
C THR B 227 -0.89 1.30 -2.79
N ILE B 228 -2.10 0.84 -3.16
CA ILE B 228 -3.00 0.16 -2.22
C ILE B 228 -2.32 -1.16 -1.84
N GLY B 229 -1.75 -1.85 -2.84
CA GLY B 229 -1.05 -3.11 -2.64
C GLY B 229 -1.92 -4.34 -2.73
N PHE B 230 -1.37 -5.40 -3.34
CA PHE B 230 -2.05 -6.68 -3.55
C PHE B 230 -1.97 -7.61 -2.32
N GLY B 231 -0.98 -7.41 -1.45
CA GLY B 231 -0.77 -8.24 -0.27
C GLY B 231 0.45 -9.11 -0.43
N ASP B 232 0.24 -10.41 -0.61
CA ASP B 232 1.32 -11.38 -0.82
C ASP B 232 1.12 -12.12 -2.15
N TYR B 233 2.13 -12.04 -3.04
CA TYR B 233 2.16 -12.66 -4.36
C TYR B 233 3.47 -13.42 -4.56
N LYS B 247 14.48 -8.32 -14.98
CA LYS B 247 15.01 -7.55 -13.86
C LYS B 247 15.12 -6.03 -14.18
N PRO B 248 15.80 -5.56 -15.28
CA PRO B 248 15.85 -4.10 -15.51
C PRO B 248 14.53 -3.54 -16.06
N VAL B 249 13.89 -4.27 -16.99
CA VAL B 249 12.61 -3.91 -17.63
C VAL B 249 11.46 -3.93 -16.61
N VAL B 250 11.55 -4.81 -15.59
CA VAL B 250 10.56 -4.99 -14.52
C VAL B 250 10.52 -3.74 -13.63
N TRP B 251 11.70 -3.31 -13.10
CA TRP B 251 11.83 -2.14 -12.23
C TRP B 251 11.52 -0.85 -13.01
N PHE B 252 11.83 -0.81 -14.32
CA PHE B 252 11.52 0.32 -15.20
C PHE B 252 10.01 0.44 -15.42
N TRP B 253 9.31 -0.72 -15.54
CA TRP B 253 7.86 -0.80 -15.73
C TRP B 253 7.13 -0.28 -14.48
N ILE B 254 7.62 -0.68 -13.28
CA ILE B 254 7.10 -0.29 -11.96
C ILE B 254 7.29 1.24 -11.78
N LEU B 255 8.46 1.79 -12.14
CA LEU B 255 8.78 3.21 -12.04
C LEU B 255 7.89 4.06 -12.96
N VAL B 256 7.78 3.68 -14.25
CA VAL B 256 6.96 4.39 -15.25
C VAL B 256 5.47 4.26 -14.82
N GLY B 257 5.06 3.06 -14.39
CA GLY B 257 3.71 2.75 -13.92
C GLY B 257 3.25 3.62 -12.77
N LEU B 258 4.08 3.74 -11.73
CA LEU B 258 3.82 4.56 -10.54
C LEU B 258 3.76 6.03 -10.94
N ALA B 259 4.62 6.46 -11.90
CA ALA B 259 4.65 7.83 -12.42
C ALA B 259 3.38 8.14 -13.23
N TYR B 260 2.93 7.19 -14.07
CA TYR B 260 1.74 7.28 -14.91
C TYR B 260 0.46 7.41 -14.08
N PHE B 261 0.26 6.54 -13.07
CA PHE B 261 -0.91 6.55 -12.20
C PHE B 261 -0.91 7.79 -11.30
N ALA B 262 0.29 8.34 -10.99
CA ALA B 262 0.41 9.59 -10.22
C ALA B 262 -0.19 10.74 -11.04
N ALA B 263 0.09 10.76 -12.37
CA ALA B 263 -0.43 11.72 -13.34
C ALA B 263 -1.93 11.52 -13.57
N VAL B 264 -2.40 10.25 -13.64
CA VAL B 264 -3.81 9.88 -13.84
C VAL B 264 -4.65 10.38 -12.65
N LEU B 265 -4.21 10.10 -11.41
CA LEU B 265 -4.89 10.51 -10.19
C LEU B 265 -4.82 12.04 -9.99
N SER B 266 -3.75 12.69 -10.50
CA SER B 266 -3.61 14.14 -10.44
C SER B 266 -4.65 14.80 -11.34
N MET B 267 -4.85 14.23 -12.55
CA MET B 267 -5.80 14.68 -13.57
C MET B 267 -7.26 14.51 -13.10
N ILE B 268 -7.57 13.37 -12.43
CA ILE B 268 -8.89 13.08 -11.87
C ILE B 268 -9.16 14.10 -10.73
N GLY B 269 -8.10 14.44 -9.98
CA GLY B 269 -8.15 15.45 -8.92
C GLY B 269 -8.50 16.81 -9.49
N ASP B 270 -7.87 17.17 -10.65
CA ASP B 270 -8.13 18.41 -11.38
C ASP B 270 -9.57 18.44 -11.89
N TRP B 271 -10.09 17.27 -12.33
CA TRP B 271 -11.47 17.10 -12.81
C TRP B 271 -12.46 17.32 -11.65
N LEU B 272 -12.09 16.89 -10.43
CA LEU B 272 -12.90 17.04 -9.21
C LEU B 272 -12.95 18.51 -8.75
N ARG B 273 -11.89 19.30 -9.05
CA ARG B 273 -11.81 20.73 -8.74
C ARG B 273 -12.76 21.54 -9.64
N VAL B 274 -12.99 21.05 -10.87
CA VAL B 274 -13.88 21.62 -11.89
C VAL B 274 -15.33 21.39 -11.43
N ILE B 275 -15.65 20.15 -10.98
CA ILE B 275 -16.97 19.75 -10.47
C ILE B 275 -17.30 20.52 -9.18
N SER B 276 -16.29 20.75 -8.29
CA SER B 276 -16.45 21.47 -7.03
C SER B 276 -16.75 22.96 -7.26
N ALA B 277 -16.08 23.59 -8.26
CA ALA B 277 -16.29 24.99 -8.62
C ALA B 277 -17.66 25.20 -9.27
N GLU B 278 -18.17 24.19 -10.00
CA GLU B 278 -19.46 24.19 -10.67
C GLU B 278 -20.60 24.11 -9.65
K K C . 0.12 3.49 -0.11
K K D . -1.54 -3.61 2.47
OAL 37X E . 19.36 21.67 5.50
OAN 37X E . 24.64 20.37 4.78
OAP 37X E . 24.77 18.10 6.46
CBK 37X E . 20.38 17.14 12.29
CBP 37X E . 20.07 21.19 6.63
CBQ 37X E . 20.81 17.42 10.85
CBR 37X E . 23.31 16.66 10.90
CBS 37X E . 21.47 15.05 10.21
CBT 37X E . 22.00 16.69 8.74
OBV 37X E . 22.75 17.86 8.43
OBX 37X E . 21.46 19.42 7.36
OCB 37X E . 22.23 21.74 4.57
CCF 37X E . 21.17 20.24 6.22
CCH 37X E . 23.48 19.87 5.42
CCJ 37X E . 22.49 18.45 7.20
CCL 37X E . 23.78 19.09 6.69
CCM 37X E . 21.92 16.52 10.26
CCQ 37X E . 22.45 20.93 5.74
C1 37X F . 2.87 33.65 26.64
O1 37X F . 2.82 32.26 26.35
C2 37X F . 1.47 34.11 27.01
O2 37X F . 1.00 33.40 28.16
C3 37X F . 1.46 35.62 27.29
O3 37X F . 0.13 36.07 27.52
C4 37X F . 2.09 36.37 26.13
O4 37X F . 2.19 37.75 26.51
C5 37X F . 3.49 35.82 25.83
O5 37X F . 3.39 34.41 25.56
C6 37X F . 4.16 36.45 24.64
O6 37X F . 5.52 36.07 24.56
CBC 37X F . 8.39 28.01 26.45
CBE 37X F . 7.97 29.43 26.05
CBG 37X F . 6.72 29.48 25.17
CBH 37X F . -1.86 29.72 28.19
CBI 37X F . 5.40 29.43 25.92
CBJ 37X F . -1.81 29.67 26.66
CBK 37X F . 4.19 29.23 25.03
CBL 37X F . -0.43 29.33 26.08
CBQ 37X F . 2.86 29.39 25.77
CBR 37X F . 0.51 30.53 25.98
CBS 37X F . 2.42 31.79 25.04
CBT 37X F . 1.50 30.02 23.73
CCM 37X F . 1.83 30.39 25.17
OAL 37X G . -1.48 25.46 6.71
OAN 37X G . 2.26 25.11 1.83
C1 37X G . 5.17 27.65 10.24
O1 37X G . 4.64 26.36 10.19
C2 37X G . 6.42 27.62 11.12
O2 37X G . 7.41 26.79 10.54
C3 37X G . 6.99 29.02 11.31
O3 37X G . 8.06 29.01 12.24
C4 37X G . 5.90 30.00 11.77
O4 37X G . 6.46 31.31 11.75
C5 37X G . 4.69 29.92 10.84
O5 37X G . 4.22 28.57 10.76
C6 37X G . 3.52 30.76 11.30
O6 37X G . 3.79 32.16 11.18
OAP 37X G . 3.78 23.59 3.74
CBC 37X G . 9.37 22.64 12.99
CBD 37X G . 0.03 18.29 10.83
CBE 37X G . 8.16 23.40 12.51
CBF 37X G . 0.89 19.48 11.21
CBG 37X G . 7.43 22.71 11.37
CBH 37X G . 1.43 20.25 10.01
CBI 37X G . 6.52 23.62 10.59
CBJ 37X G . 2.09 21.56 10.39
CBK 37X G . 6.01 23.02 9.31
CBL 37X G . 2.56 22.37 9.20
CBP 37X G . -1.08 25.88 5.40
CBQ 37X G . 5.38 24.04 8.35
CBR 37X G . 2.99 23.80 9.58
CBS 37X G . 3.96 26.06 8.95
CBT 37X G . 3.26 25.06 7.37
OBV 37X G . 3.11 23.98 6.42
OBX 37X G . 1.04 24.90 5.79
OCB 37X G . -0.51 25.31 2.47
CCF 37X G . -0.02 24.97 4.83
CCH 37X G . 1.69 24.58 3.02
CCJ 37X G . 2.11 24.04 5.43
CCL 37X G . 2.75 24.49 4.12
CCM 37X G . 3.95 24.57 8.65
CCQ 37X G . 0.52 25.43 3.48
C1 37X H . 18.01 21.59 10.49
O1 37X H . 17.02 21.28 9.55
C2 37X H . 17.64 22.91 11.16
O2 37X H . 16.39 22.77 11.84
C3 37X H . 18.72 23.32 12.15
O3 37X H . 18.43 24.60 12.70
C4 37X H . 20.09 23.34 11.46
O4 37X H . 21.06 23.57 12.49
C5 37X H . 20.36 22.02 10.75
O5 37X H . 19.27 21.70 9.86
C6 37X H . 21.62 22.04 9.91
O6 37X H . 22.81 22.05 10.71
CBC 37X H . 16.49 23.46 5.02
CBD 37X H . 10.16 15.29 12.10
CBE 37X H . 16.14 22.03 4.60
CBF 37X H . 11.13 15.35 10.94
CBG 37X H . 14.64 21.73 4.52
CBH 37X H . 11.61 16.74 10.62
CBI 37X H . 13.91 21.50 5.86
CBJ 37X H . 12.58 16.80 9.45
CBK 37X H . 14.14 20.13 6.50
CBL 37X H . 12.97 18.21 9.04
CBQ 37X H . 15.28 20.11 7.53
CBR 37X H . 14.36 18.62 9.52
CBS 37X H . 16.30 20.04 9.78
CBT 37X H . 14.27 21.19 9.67
OBV 37X H . 12.96 21.45 9.13
CCJ 37X H . 12.55 22.78 9.20
CCM 37X H . 14.95 19.97 9.04
MG MG I . -11.45 -13.63 9.19
K K J . -0.26 -0.06 0.84
C1 NAG K . -10.73 -38.92 15.76
C2 NAG K . -9.30 -38.74 16.29
C3 NAG K . -9.47 -39.09 17.77
C4 NAG K . -10.43 -38.13 18.47
C5 NAG K . -11.80 -38.18 17.78
C6 NAG K . -12.75 -37.11 18.25
C7 NAG K . -7.04 -39.51 15.63
C8 NAG K . -6.28 -40.57 14.87
N2 NAG K . -8.38 -39.65 15.63
O3 NAG K . -8.20 -39.11 18.44
O4 NAG K . -10.57 -38.51 19.83
O5 NAG K . -11.65 -38.00 16.35
O6 NAG K . -12.18 -35.81 18.18
O7 NAG K . -6.47 -38.61 16.23
OAL 37X L . -5.38 -19.70 -4.89
OAN 37X L . -10.34 -17.78 -8.00
C1 37X L . -10.37 -24.04 -5.37
O1 37X L . -10.60 -24.13 -3.99
C2 37X L . -10.50 -25.43 -5.97
O2 37X L . -11.82 -25.92 -5.79
C3 37X L . -10.14 -25.39 -7.45
O3 37X L . -10.15 -26.71 -7.99
C4 37X L . -8.79 -24.73 -7.68
O4 37X L . -8.64 -24.53 -9.09
C5 37X L . -8.70 -23.38 -6.97
O5 37X L . -9.06 -23.53 -5.58
C6 37X L . -7.33 -22.75 -7.00
O6 37X L . -6.41 -23.40 -6.13
OAP 37X L . -11.63 -19.08 -5.79
CBC 37X L . -14.60 -17.80 1.87
CBD 37X L . -9.72 -26.63 3.67
CBE 37X L . -13.44 -17.39 0.98
CBF 37X L . -9.55 -26.38 2.19
CBG 37X L . -12.38 -18.47 0.77
CBH 37X L . -10.36 -25.25 1.65
CBI 37X L . -12.64 -19.37 -0.41
CBJ 37X L . -10.23 -25.09 0.15
CBK 37X L . -11.47 -20.25 -0.78
CBL 37X L . -10.95 -23.89 -0.44
CBP 37X L . -6.01 -19.22 -6.08
CBQ 37X L . -11.82 -21.23 -1.90
CBR 37X L . -10.05 -23.07 -1.36
CBS 37X L . -11.44 -23.08 -3.45
CBT 37X L . -9.61 -21.33 -3.06
OBV 37X L . -10.05 -20.87 -4.35
OBX 37X L . -8.11 -19.95 -5.25
OCB 37X L . -7.61 -17.08 -7.51
CCF 37X L . -7.44 -18.81 -5.82
CCH 37X L . -9.65 -18.11 -6.79
CCJ 37X L . -9.47 -19.72 -4.90
CCL 37X L . -10.27 -19.33 -6.13
CCM 37X L . -10.72 -22.19 -2.44
CCQ 37X L . -8.17 -18.34 -7.07
#